data_7A06
#
_entry.id   7A06
#
_cell.length_a   61.374
_cell.length_b   61.374
_cell.length_c   221.070
_cell.angle_alpha   90.00
_cell.angle_beta   90.00
_cell.angle_gamma   90.00
#
_symmetry.space_group_name_H-M   'P 43 21 2'
#
loop_
_entity.id
_entity.type
_entity.pdbx_description
1 polymer 'Choline kinase alpha'
2 non-polymer 1-[(4-phenylphenyl)methyl]-4-pyrrolidin-1-yl-pyridine
3 non-polymer 1,2-ETHANEDIOL
4 water water
#
_entity_poly.entity_id   1
_entity_poly.type   'polypeptide(L)'
_entity_poly.pdbx_seq_one_letter_code
;PQPPADEQPEPRTRRRAYLWCKEFLPGAWRGLREDEFHISVIRGGLSNMLFQCSLPDTTATLGDEPRKVLLRLYGAILQM
RSCNKEGSEQAQKENEFQGAEAMVLESVMFAILAERSLGPKLYGIFPQGRLEQFIPSRRLDTEELSLPDISAEIAEKMAT
FHGMKMPFNKEPKWLFGTMEKYLKEVLRIKFTEESRIKKLHKLLSYNLPLELENLRSLLESTPSPVVFCHNDCQEGNILL
LEGRENSEKQKLMLIDFEYSSYNYRGFDIGNHFCEWMYDYSYEKYPFFRANIRKYPTKKQQLHFISSYLPAFQNDFENLS
TEEKSIIKEEMLLEVNRFALASHFLWGLWSIVQAKISSIEFGYMDYAQARFDAYFHQKRKLGV
;
_entity_poly.pdbx_strand_id   A
#
loop_
_chem_comp.id
_chem_comp.type
_chem_comp.name
_chem_comp.formula
EDO non-polymer 1,2-ETHANEDIOL 'C2 H6 O2'
QTH non-polymer 1-[(4-phenylphenyl)methyl]-4-pyrrolidin-1-yl-pyridine 'C22 H23 N2 1'
#
# COMPACT_ATOMS: atom_id res chain seq x y z
N ASP A 6 -22.41 -3.89 14.93
CA ASP A 6 -22.61 -2.54 14.31
C ASP A 6 -22.27 -1.43 15.30
N GLU A 7 -20.97 -1.15 15.44
CA GLU A 7 -20.46 -0.22 16.46
C GLU A 7 -20.83 1.24 16.14
N GLN A 8 -21.44 1.91 17.12
CA GLN A 8 -21.78 3.32 16.99
C GLN A 8 -20.60 4.17 17.47
N PRO A 9 -20.35 5.33 16.82
CA PRO A 9 -19.29 6.24 17.23
C PRO A 9 -19.68 7.06 18.46
N GLU A 10 -18.71 7.77 19.03
CA GLU A 10 -18.95 8.70 20.14
C GLU A 10 -19.95 9.76 19.66
N PRO A 11 -20.82 10.25 20.56
CA PRO A 11 -21.79 11.28 20.18
C PRO A 11 -21.19 12.49 19.46
N ARG A 12 -20.02 12.92 19.93
CA ARG A 12 -19.29 14.03 19.32
C ARG A 12 -19.00 13.73 17.84
N THR A 13 -18.63 12.50 17.54
CA THR A 13 -18.27 12.14 16.18
C THR A 13 -19.50 11.96 15.30
N ARG A 14 -20.56 11.37 15.85
CA ARG A 14 -21.83 11.32 15.16
C ARG A 14 -22.29 12.72 14.68
N ARG A 15 -22.21 13.72 15.56
CA ARG A 15 -22.70 15.05 15.22
CA ARG A 15 -22.66 15.08 15.26
C ARG A 15 -21.84 15.69 14.14
N ARG A 16 -20.52 15.56 14.24
CA ARG A 16 -19.60 16.13 13.24
C ARG A 16 -19.77 15.44 11.88
N ALA A 17 -19.91 14.12 11.90
CA ALA A 17 -20.14 13.34 10.68
C ALA A 17 -21.45 13.75 10.00
N TYR A 18 -22.51 13.89 10.80
CA TYR A 18 -23.77 14.39 10.27
C TYR A 18 -23.60 15.73 9.53
N LEU A 19 -22.93 16.68 10.16
CA LEU A 19 -22.77 18.03 9.59
C LEU A 19 -21.91 17.99 8.29
N TRP A 20 -20.84 17.20 8.29
CA TRP A 20 -20.00 17.08 7.09
C TRP A 20 -20.82 16.48 5.95
N CYS A 21 -21.58 15.42 6.23
CA CYS A 21 -22.40 14.81 5.18
C CYS A 21 -23.49 15.76 4.69
N LYS A 22 -24.19 16.38 5.64
CA LYS A 22 -25.26 17.32 5.32
C LYS A 22 -24.77 18.48 4.46
N GLU A 23 -23.57 18.98 4.71
CA GLU A 23 -23.09 20.18 4.05
C GLU A 23 -22.26 19.93 2.80
N PHE A 24 -21.64 18.76 2.68
CA PHE A 24 -20.80 18.43 1.52
C PHE A 24 -21.45 17.56 0.45
N LEU A 25 -22.49 16.80 0.82
CA LEU A 25 -23.15 15.93 -0.12
C LEU A 25 -24.45 16.55 -0.62
N PRO A 26 -24.73 16.42 -1.93
CA PRO A 26 -25.89 17.02 -2.54
C PRO A 26 -27.15 16.18 -2.40
N GLY A 27 -28.27 16.75 -2.85
CA GLY A 27 -29.54 16.06 -2.95
C GLY A 27 -30.17 15.81 -1.61
N ALA A 28 -30.57 14.56 -1.38
CA ALA A 28 -31.30 14.19 -0.18
C ALA A 28 -30.53 14.49 1.09
N TRP A 29 -29.20 14.46 1.02
CA TRP A 29 -28.37 14.74 2.18
C TRP A 29 -28.58 16.16 2.76
N ARG A 30 -28.79 17.11 1.87
CA ARG A 30 -28.86 18.53 2.26
C ARG A 30 -30.00 18.79 3.26
N GLY A 31 -31.10 18.04 3.13
CA GLY A 31 -32.27 18.18 4.02
C GLY A 31 -32.45 17.10 5.06
N LEU A 32 -31.44 16.25 5.23
CA LEU A 32 -31.51 15.11 6.12
C LEU A 32 -31.63 15.53 7.59
N ARG A 33 -32.56 14.92 8.30
CA ARG A 33 -32.68 15.09 9.74
C ARG A 33 -31.61 14.29 10.47
N GLU A 34 -31.06 14.86 11.54
CA GLU A 34 -30.08 14.16 12.34
C GLU A 34 -30.58 12.85 12.87
N ASP A 35 -31.88 12.78 13.22
CA ASP A 35 -32.41 11.54 13.81
C ASP A 35 -32.63 10.40 12.80
N GLU A 36 -32.38 10.67 11.52
CA GLU A 36 -32.43 9.66 10.46
CA GLU A 36 -32.41 9.61 10.51
C GLU A 36 -31.05 9.44 9.81
N PHE A 37 -29.99 9.99 10.43
CA PHE A 37 -28.61 9.82 9.96
C PHE A 37 -28.09 8.50 10.53
N HIS A 38 -27.50 7.68 9.66
CA HIS A 38 -26.91 6.40 10.07
C HIS A 38 -25.41 6.42 9.93
N ILE A 39 -24.71 5.96 10.97
CA ILE A 39 -23.25 5.91 10.96
C ILE A 39 -22.78 4.70 11.77
N SER A 40 -21.76 4.00 11.29
N SER A 40 -21.76 4.02 11.27
CA SER A 40 -21.15 2.93 12.05
CA SER A 40 -21.11 2.90 11.95
C SER A 40 -19.65 2.96 11.88
C SER A 40 -19.63 3.11 11.93
N VAL A 41 -18.94 2.58 12.94
CA VAL A 41 -17.48 2.59 12.95
C VAL A 41 -16.95 1.43 12.13
N ILE A 42 -16.09 1.73 11.16
CA ILE A 42 -15.41 0.70 10.38
C ILE A 42 -14.03 0.41 11.01
N ARG A 43 -13.27 1.47 11.29
CA ARG A 43 -12.00 1.33 12.02
C ARG A 43 -11.87 2.42 13.05
N GLY A 44 -11.61 2.01 14.29
CA GLY A 44 -11.38 2.95 15.37
C GLY A 44 -9.91 3.31 15.47
N GLY A 45 -9.53 3.78 16.65
CA GLY A 45 -8.17 4.20 16.92
C GLY A 45 -8.13 5.69 17.13
N LEU A 46 -6.91 6.19 17.24
CA LEU A 46 -6.63 7.60 17.50
C LEU A 46 -6.30 8.33 16.20
N SER A 47 -5.90 7.61 15.15
CA SER A 47 -5.72 8.21 13.82
C SER A 47 -6.19 7.33 12.67
N ASN A 48 -6.46 8.00 11.55
CA ASN A 48 -6.96 7.35 10.35
C ASN A 48 -8.22 6.50 10.61
N MET A 49 -9.12 7.03 11.42
CA MET A 49 -10.38 6.35 11.73
C MET A 49 -11.34 6.38 10.54
N LEU A 50 -12.13 5.32 10.41
CA LEU A 50 -13.01 5.09 9.24
C LEU A 50 -14.44 4.82 9.71
N PHE A 51 -15.41 5.49 9.08
CA PHE A 51 -16.82 5.32 9.38
C PHE A 51 -17.60 5.22 8.09
N GLN A 52 -18.67 4.43 8.14
CA GLN A 52 -19.63 4.36 7.06
C GLN A 52 -20.83 5.23 7.42
N CYS A 53 -21.21 6.13 6.51
CA CYS A 53 -22.35 7.04 6.72
C CYS A 53 -23.38 6.81 5.64
N SER A 54 -24.65 6.81 6.00
CA SER A 54 -25.67 6.54 4.99
C SER A 54 -27.01 7.19 5.28
N LEU A 55 -27.75 7.37 4.18
CA LEU A 55 -29.15 7.74 4.22
C LEU A 55 -29.99 6.62 4.85
N PRO A 56 -31.11 6.99 5.50
CA PRO A 56 -32.12 5.95 5.86
C PRO A 56 -32.69 5.30 4.61
N ASP A 57 -33.07 4.03 4.73
CA ASP A 57 -33.69 3.31 3.62
C ASP A 57 -34.99 3.96 3.16
N THR A 58 -35.63 4.70 4.06
CA THR A 58 -36.89 5.40 3.78
C THR A 58 -36.76 6.75 3.06
N THR A 59 -35.52 7.17 2.79
CA THR A 59 -35.23 8.41 2.07
C THR A 59 -34.78 8.12 0.63
N ALA A 60 -35.50 8.65 -0.35
CA ALA A 60 -35.18 8.46 -1.77
C ALA A 60 -34.06 9.37 -2.22
N THR A 61 -33.20 8.90 -3.13
CA THR A 61 -32.23 9.82 -3.74
C THR A 61 -32.95 10.72 -4.75
N LEU A 62 -32.46 11.95 -4.86
CA LEU A 62 -33.05 12.96 -5.74
C LEU A 62 -32.37 12.99 -7.08
N GLY A 63 -31.07 12.73 -7.08
CA GLY A 63 -30.25 12.75 -8.30
C GLY A 63 -29.22 11.64 -8.31
N ASP A 64 -27.95 12.00 -8.46
CA ASP A 64 -26.88 11.02 -8.55
CA ASP A 64 -26.87 11.02 -8.56
C ASP A 64 -26.08 10.91 -7.25
N GLU A 65 -26.61 11.49 -6.17
CA GLU A 65 -25.90 11.49 -4.89
C GLU A 65 -25.72 10.07 -4.35
N PRO A 66 -24.60 9.82 -3.65
CA PRO A 66 -24.40 8.49 -3.09
C PRO A 66 -25.34 8.25 -1.91
N ARG A 67 -25.78 7.01 -1.72
CA ARG A 67 -26.62 6.66 -0.57
C ARG A 67 -25.78 6.31 0.64
N LYS A 68 -24.53 5.92 0.39
CA LYS A 68 -23.59 5.56 1.43
C LYS A 68 -22.20 6.09 1.08
N VAL A 69 -21.49 6.62 2.07
CA VAL A 69 -20.13 7.14 1.89
C VAL A 69 -19.17 6.67 2.99
N LEU A 70 -17.88 6.83 2.72
CA LEU A 70 -16.85 6.59 3.73
C LEU A 70 -16.32 7.90 4.30
N LEU A 71 -16.37 8.06 5.62
CA LEU A 71 -15.72 9.17 6.29
C LEU A 71 -14.37 8.67 6.82
N ARG A 72 -13.30 9.37 6.44
CA ARG A 72 -11.95 9.13 6.97
C ARG A 72 -11.54 10.31 7.83
N LEU A 73 -11.18 10.05 9.08
CA LEU A 73 -10.68 11.09 9.97
C LEU A 73 -9.19 10.97 10.21
N TYR A 74 -8.47 12.08 10.09
CA TYR A 74 -7.00 12.04 10.25
C TYR A 74 -6.59 11.74 11.69
N GLY A 75 -7.26 12.40 12.62
CA GLY A 75 -7.00 12.21 14.04
C GLY A 75 -5.61 12.67 14.45
N ALA A 76 -4.92 11.83 15.23
CA ALA A 76 -3.58 12.12 15.75
C ALA A 76 -2.54 12.14 14.63
N GLU A 101 3.52 20.08 4.35
CA GLU A 101 2.81 20.07 3.08
C GLU A 101 2.37 18.65 2.63
N ALA A 102 2.71 17.62 3.42
CA ALA A 102 2.34 16.24 3.07
C ALA A 102 0.82 16.07 2.88
N MET A 103 0.04 16.87 3.60
CA MET A 103 -1.42 16.86 3.48
C MET A 103 -1.91 17.41 2.13
N VAL A 104 -1.32 18.52 1.70
CA VAL A 104 -1.61 19.10 0.38
C VAL A 104 -1.36 18.03 -0.67
N LEU A 105 -0.19 17.40 -0.61
CA LEU A 105 0.17 16.41 -1.62
C LEU A 105 -0.72 15.18 -1.61
N GLU A 106 -1.02 14.65 -0.44
CA GLU A 106 -1.88 13.46 -0.41
C GLU A 106 -3.30 13.78 -0.95
N SER A 107 -3.82 14.94 -0.60
CA SER A 107 -5.15 15.34 -1.06
C SER A 107 -5.21 15.56 -2.56
N VAL A 108 -4.26 16.30 -3.10
CA VAL A 108 -4.16 16.48 -4.56
C VAL A 108 -4.02 15.13 -5.25
N MET A 109 -3.15 14.25 -4.76
CA MET A 109 -3.02 12.91 -5.37
C MET A 109 -4.35 12.15 -5.39
N PHE A 110 -5.02 12.10 -4.24
CA PHE A 110 -6.28 11.37 -4.14
C PHE A 110 -7.32 11.93 -5.11
N ALA A 111 -7.41 13.27 -5.19
CA ALA A 111 -8.34 13.95 -6.11
C ALA A 111 -8.05 13.60 -7.57
N ILE A 112 -6.77 13.57 -7.94
CA ILE A 112 -6.41 13.21 -9.32
C ILE A 112 -6.70 11.74 -9.63
N LEU A 113 -6.34 10.83 -8.73
CA LEU A 113 -6.65 9.42 -8.93
C LEU A 113 -8.16 9.17 -9.05
N ALA A 114 -8.95 9.89 -8.25
CA ALA A 114 -10.40 9.88 -8.37
C ALA A 114 -10.90 10.33 -9.74
N GLU A 115 -10.42 11.48 -10.20
CA GLU A 115 -10.78 11.99 -11.52
C GLU A 115 -10.49 10.99 -12.63
N ARG A 116 -9.35 10.31 -12.51
CA ARG A 116 -8.91 9.34 -13.51
C ARG A 116 -9.52 7.93 -13.36
N SER A 117 -10.48 7.78 -12.45
CA SER A 117 -11.17 6.50 -12.21
C SER A 117 -10.26 5.39 -11.69
N LEU A 118 -9.19 5.79 -11.02
CA LEU A 118 -8.23 4.81 -10.54
C LEU A 118 -8.34 4.61 -9.04
N GLY A 119 -9.11 5.45 -8.38
CA GLY A 119 -9.38 5.27 -6.95
C GLY A 119 -10.81 5.69 -6.62
N PRO A 120 -11.19 5.58 -5.34
CA PRO A 120 -12.55 5.97 -4.95
C PRO A 120 -12.77 7.45 -5.23
N LYS A 121 -14.01 7.82 -5.59
CA LYS A 121 -14.35 9.24 -5.74
C LYS A 121 -14.15 10.02 -4.44
N LEU A 122 -13.87 11.31 -4.63
CA LEU A 122 -13.70 12.28 -3.56
C LEU A 122 -14.94 13.17 -3.50
N TYR A 123 -15.70 13.04 -2.40
CA TYR A 123 -16.93 13.80 -2.23
C TYR A 123 -16.79 15.06 -1.38
N GLY A 124 -15.84 15.08 -0.46
CA GLY A 124 -15.68 16.22 0.42
C GLY A 124 -14.29 16.23 1.01
N ILE A 125 -13.73 17.43 1.15
CA ILE A 125 -12.43 17.59 1.79
C ILE A 125 -12.52 18.75 2.77
N PHE A 126 -11.95 18.55 3.96
CA PHE A 126 -12.03 19.52 5.06
C PHE A 126 -10.82 19.28 6.00
N PRO A 127 -10.57 20.19 6.96
CA PRO A 127 -9.33 20.04 7.77
C PRO A 127 -9.18 18.71 8.50
N GLN A 128 -10.29 18.16 9.01
CA GLN A 128 -10.26 16.96 9.86
C GLN A 128 -10.25 15.63 9.10
N GLY A 129 -10.51 15.65 7.80
CA GLY A 129 -10.59 14.43 7.01
C GLY A 129 -11.25 14.57 5.65
N ARG A 130 -11.85 13.49 5.14
CA ARG A 130 -12.57 13.59 3.87
C ARG A 130 -13.71 12.58 3.78
N LEU A 131 -14.62 12.87 2.85
CA LEU A 131 -15.68 11.95 2.46
C LEU A 131 -15.32 11.32 1.13
N GLU A 132 -15.26 9.98 1.12
CA GLU A 132 -14.87 9.22 -0.06
C GLU A 132 -16.00 8.30 -0.47
N GLN A 133 -15.94 7.85 -1.71
CA GLN A 133 -16.85 6.85 -2.22
C GLN A 133 -16.71 5.56 -1.41
N PHE A 134 -17.83 4.95 -1.04
CA PHE A 134 -17.83 3.66 -0.36
C PHE A 134 -17.85 2.53 -1.42
N ILE A 135 -16.90 1.62 -1.36
CA ILE A 135 -16.70 0.60 -2.40
C ILE A 135 -16.93 -0.76 -1.79
N PRO A 136 -18.10 -1.36 -2.08
CA PRO A 136 -18.39 -2.64 -1.52
C PRO A 136 -17.30 -3.66 -1.91
N SER A 137 -16.72 -4.31 -0.91
CA SER A 137 -15.49 -5.09 -1.12
C SER A 137 -15.02 -5.76 0.16
N ARG A 138 -14.03 -6.65 0.02
CA ARG A 138 -13.18 -7.05 1.15
C ARG A 138 -11.73 -6.93 0.73
N ARG A 139 -10.84 -6.95 1.70
CA ARG A 139 -9.40 -6.97 1.39
C ARG A 139 -8.99 -8.39 1.02
N LEU A 140 -7.92 -8.52 0.23
CA LEU A 140 -7.35 -9.83 0.00
C LEU A 140 -6.63 -10.34 1.25
N ASP A 141 -6.50 -11.68 1.33
CA ASP A 141 -5.65 -12.35 2.32
C ASP A 141 -4.29 -12.63 1.64
N THR A 142 -3.25 -12.86 2.45
CA THR A 142 -1.89 -13.05 1.92
C THR A 142 -1.83 -14.24 0.94
N GLU A 143 -2.53 -15.33 1.28
CA GLU A 143 -2.55 -16.53 0.41
C GLU A 143 -3.09 -16.24 -0.99
N GLU A 144 -3.98 -15.28 -1.11
CA GLU A 144 -4.60 -14.94 -2.39
C GLU A 144 -3.67 -14.21 -3.38
N LEU A 145 -2.57 -13.65 -2.89
CA LEU A 145 -1.60 -12.93 -3.74
C LEU A 145 -0.98 -13.84 -4.81
N SER A 146 -0.89 -15.14 -4.52
CA SER A 146 -0.19 -16.09 -5.39
C SER A 146 -1.15 -16.75 -6.35
N LEU A 147 -2.46 -16.49 -6.23
CA LEU A 147 -3.40 -17.02 -7.22
C LEU A 147 -3.06 -16.43 -8.60
N PRO A 148 -2.93 -17.29 -9.62
CA PRO A 148 -2.46 -16.78 -10.91
C PRO A 148 -3.28 -15.62 -11.51
N ASP A 149 -4.62 -15.75 -11.50
CA ASP A 149 -5.51 -14.66 -11.94
C ASP A 149 -5.40 -13.36 -11.11
N ILE A 150 -5.27 -13.52 -9.80
CA ILE A 150 -5.14 -12.37 -8.91
C ILE A 150 -3.81 -11.68 -9.18
N SER A 151 -2.74 -12.46 -9.22
CA SER A 151 -1.41 -11.93 -9.42
C SER A 151 -1.33 -11.21 -10.79
N ALA A 152 -1.88 -11.82 -11.84
CA ALA A 152 -1.94 -11.17 -13.14
C ALA A 152 -2.63 -9.82 -13.07
N GLU A 153 -3.73 -9.71 -12.34
CA GLU A 153 -4.45 -8.44 -12.28
C GLU A 153 -3.71 -7.42 -11.41
N ILE A 154 -3.11 -7.85 -10.33
CA ILE A 154 -2.25 -6.93 -9.53
C ILE A 154 -1.19 -6.32 -10.43
N ALA A 155 -0.55 -7.16 -11.24
CA ALA A 155 0.48 -6.68 -12.17
C ALA A 155 -0.07 -5.63 -13.17
N GLU A 156 -1.25 -5.89 -13.76
CA GLU A 156 -1.88 -4.94 -14.66
CA GLU A 156 -1.95 -4.92 -14.67
C GLU A 156 -2.23 -3.61 -13.97
N LYS A 157 -2.78 -3.68 -12.76
CA LYS A 157 -3.11 -2.47 -12.01
C LYS A 157 -1.88 -1.65 -11.64
N MET A 158 -0.81 -2.34 -11.23
CA MET A 158 0.45 -1.65 -10.92
C MET A 158 1.03 -0.99 -12.18
N ALA A 159 0.98 -1.69 -13.30
CA ALA A 159 1.49 -1.11 -14.55
C ALA A 159 0.70 0.14 -14.94
N THR A 160 -0.61 0.11 -14.70
CA THR A 160 -1.46 1.24 -15.00
C THR A 160 -1.11 2.43 -14.12
N PHE A 161 -0.89 2.16 -12.83
CA PHE A 161 -0.52 3.18 -11.86
C PHE A 161 0.81 3.76 -12.33
N HIS A 162 1.75 2.89 -12.73
CA HIS A 162 3.07 3.32 -13.17
C HIS A 162 3.10 4.23 -14.42
N GLY A 163 2.03 4.21 -15.20
CA GLY A 163 1.86 5.13 -16.32
C GLY A 163 1.28 6.49 -15.95
N MET A 164 0.89 6.70 -14.70
N MET A 164 0.89 6.68 -14.70
CA MET A 164 0.27 7.97 -14.28
CA MET A 164 0.37 7.95 -14.24
C MET A 164 1.28 9.12 -14.19
C MET A 164 1.43 9.06 -14.37
N LYS A 165 1.04 10.15 -14.99
CA LYS A 165 1.79 11.39 -14.86
CA LYS A 165 1.78 11.42 -14.86
C LYS A 165 1.21 12.17 -13.67
N MET A 166 2.06 12.59 -12.75
CA MET A 166 1.60 13.25 -11.53
C MET A 166 2.48 14.49 -11.22
N PRO A 167 1.90 15.54 -10.59
CA PRO A 167 2.58 16.83 -10.39
C PRO A 167 3.57 16.88 -9.21
N PHE A 168 4.37 15.83 -9.06
CA PHE A 168 5.22 15.65 -7.89
C PHE A 168 6.65 15.49 -8.36
N ASN A 169 7.58 15.65 -7.42
CA ASN A 169 9.01 15.58 -7.70
C ASN A 169 9.41 14.26 -8.32
N LYS A 170 10.07 14.33 -9.48
CA LYS A 170 10.42 13.16 -10.24
C LYS A 170 11.85 12.66 -9.98
N GLU A 171 12.61 13.37 -9.16
CA GLU A 171 13.95 12.88 -8.75
C GLU A 171 13.73 11.72 -7.77
N PRO A 172 14.31 10.52 -8.05
CA PRO A 172 14.00 9.33 -7.24
C PRO A 172 14.72 9.28 -5.88
N LYS A 173 14.56 10.32 -5.08
CA LYS A 173 15.28 10.45 -3.82
C LYS A 173 14.64 9.77 -2.62
N TRP A 174 13.36 9.40 -2.74
CA TRP A 174 12.57 8.84 -1.63
C TRP A 174 13.18 7.59 -1.00
N LEU A 175 13.63 6.65 -1.84
CA LEU A 175 14.02 5.31 -1.34
C LEU A 175 15.21 5.40 -0.38
N PHE A 176 16.33 5.92 -0.87
CA PHE A 176 17.53 6.03 -0.04
C PHE A 176 17.45 7.19 0.94
N GLY A 177 16.72 8.24 0.59
CA GLY A 177 16.49 9.34 1.56
C GLY A 177 15.80 8.85 2.82
N THR A 178 14.80 8.01 2.62
CA THR A 178 13.99 7.45 3.69
C THR A 178 14.82 6.44 4.47
N MET A 179 15.55 5.55 3.79
CA MET A 179 16.39 4.59 4.54
C MET A 179 17.46 5.31 5.37
N GLU A 180 18.10 6.37 4.81
CA GLU A 180 19.10 7.13 5.55
C GLU A 180 18.47 7.79 6.77
N LYS A 181 17.32 8.43 6.56
CA LYS A 181 16.53 9.03 7.66
C LYS A 181 16.21 8.02 8.75
N TYR A 182 15.66 6.88 8.38
CA TYR A 182 15.34 5.84 9.39
C TYR A 182 16.62 5.32 10.10
N LEU A 183 17.70 5.13 9.37
CA LEU A 183 18.92 4.60 10.00
C LEU A 183 19.47 5.58 11.04
N LYS A 184 19.42 6.88 10.73
CA LYS A 184 19.81 7.94 11.67
C LYS A 184 19.02 7.79 12.96
N GLU A 185 17.71 7.60 12.80
CA GLU A 185 16.82 7.44 13.96
C GLU A 185 17.15 6.21 14.76
N VAL A 186 17.33 5.09 14.05
CA VAL A 186 17.64 3.81 14.66
C VAL A 186 18.91 3.88 15.51
N LEU A 187 19.96 4.53 15.01
CA LEU A 187 21.21 4.61 15.77
C LEU A 187 21.09 5.47 17.03
N ARG A 188 20.04 6.29 17.15
CA ARG A 188 19.88 7.16 18.33
C ARG A 188 18.84 6.67 19.33
N ILE A 189 18.16 5.58 19.01
CA ILE A 189 17.12 5.03 19.90
C ILE A 189 17.74 4.61 21.25
N LYS A 190 17.06 4.99 22.32
CA LYS A 190 17.44 4.54 23.65
C LYS A 190 16.26 3.72 24.16
N PHE A 191 16.33 2.39 24.04
CA PHE A 191 15.34 1.51 24.61
C PHE A 191 15.56 1.37 26.13
N THR A 192 14.47 1.21 26.87
CA THR A 192 14.56 0.86 28.29
C THR A 192 14.22 -0.62 28.57
N GLU A 193 13.57 -1.30 27.63
CA GLU A 193 13.13 -2.68 27.81
C GLU A 193 14.32 -3.58 27.48
N GLU A 194 14.67 -4.51 28.35
CA GLU A 194 15.90 -5.28 28.10
C GLU A 194 15.83 -6.14 26.84
N SER A 195 14.67 -6.73 26.55
CA SER A 195 14.53 -7.58 25.35
C SER A 195 14.74 -6.77 24.05
N ARG A 196 14.28 -5.51 24.02
CA ARG A 196 14.51 -4.63 22.87
C ARG A 196 15.96 -4.12 22.80
N ILE A 197 16.58 -3.85 23.95
CA ILE A 197 17.97 -3.43 23.98
C ILE A 197 18.79 -4.53 23.32
N LYS A 198 18.46 -5.76 23.66
CA LYS A 198 19.20 -6.93 23.21
C LYS A 198 19.03 -7.17 21.75
N LYS A 199 17.78 -7.12 21.29
CA LYS A 199 17.47 -7.30 19.87
C LYS A 199 18.08 -6.23 18.98
N LEU A 200 18.04 -4.98 19.45
CA LEU A 200 18.67 -3.87 18.76
C LEU A 200 20.18 -4.07 18.59
N HIS A 201 20.86 -4.49 19.67
CA HIS A 201 22.31 -4.72 19.59
C HIS A 201 22.66 -5.75 18.51
N LYS A 202 21.91 -6.86 18.46
CA LYS A 202 22.09 -7.84 17.37
C LYS A 202 21.90 -7.24 15.96
N LEU A 203 20.84 -6.46 15.78
CA LEU A 203 20.54 -5.89 14.45
C LEU A 203 21.62 -4.87 14.05
N LEU A 204 22.12 -4.08 15.01
CA LEU A 204 23.16 -3.11 14.70
C LEU A 204 24.56 -3.76 14.53
N SER A 205 24.72 -5.00 15.00
CA SER A 205 26.00 -5.71 14.85
C SER A 205 26.36 -6.01 13.42
N TYR A 206 25.39 -5.93 12.50
CA TYR A 206 25.65 -6.13 11.09
C TYR A 206 26.42 -4.99 10.42
N ASN A 207 26.58 -3.86 11.11
CA ASN A 207 27.15 -2.65 10.51
C ASN A 207 26.20 -2.15 9.40
N LEU A 208 25.11 -1.55 9.85
CA LEU A 208 24.05 -1.16 8.94
C LEU A 208 24.43 0.00 8.00
N PRO A 209 25.25 0.98 8.45
CA PRO A 209 25.72 1.98 7.49
C PRO A 209 26.51 1.39 6.33
N LEU A 210 27.46 0.49 6.64
CA LEU A 210 28.21 -0.21 5.60
C LEU A 210 27.28 -0.96 4.65
N GLU A 211 26.37 -1.75 5.22
CA GLU A 211 25.46 -2.53 4.41
C GLU A 211 24.56 -1.62 3.53
N LEU A 212 24.08 -0.52 4.08
CA LEU A 212 23.25 0.39 3.28
C LEU A 212 24.03 0.98 2.09
N GLU A 213 25.29 1.34 2.31
CA GLU A 213 26.04 2.01 1.24
C GLU A 213 26.52 1.00 0.20
N ASN A 214 26.70 -0.28 0.60
CA ASN A 214 26.90 -1.38 -0.34
C ASN A 214 25.65 -1.66 -1.16
N LEU A 215 24.48 -1.54 -0.54
CA LEU A 215 23.20 -1.68 -1.26
C LEU A 215 23.04 -0.52 -2.25
N ARG A 216 23.39 0.71 -1.85
CA ARG A 216 23.36 1.89 -2.73
C ARG A 216 24.23 1.67 -3.97
N SER A 217 25.45 1.16 -3.76
CA SER A 217 26.36 0.78 -4.85
C SER A 217 25.76 -0.25 -5.82
N LEU A 218 25.19 -1.33 -5.30
CA LEU A 218 24.51 -2.32 -6.14
C LEU A 218 23.36 -1.75 -6.98
N LEU A 219 22.48 -1.02 -6.32
CA LEU A 219 21.31 -0.49 -7.03
C LEU A 219 21.66 0.64 -8.02
N GLU A 220 22.72 1.40 -7.74
CA GLU A 220 23.24 2.41 -8.70
C GLU A 220 23.58 1.80 -10.05
N SER A 221 24.04 0.55 -10.00
CA SER A 221 24.39 -0.23 -11.18
C SER A 221 23.25 -1.11 -11.71
N THR A 222 22.01 -0.88 -11.26
CA THR A 222 20.89 -1.72 -11.64
C THR A 222 19.83 -0.82 -12.30
N PRO A 223 19.74 -0.80 -13.65
CA PRO A 223 18.78 0.09 -14.32
C PRO A 223 17.33 -0.20 -13.93
N SER A 224 16.58 0.84 -13.63
CA SER A 224 15.18 0.72 -13.25
C SER A 224 14.49 2.05 -13.52
N PRO A 225 13.47 2.09 -14.39
CA PRO A 225 12.85 3.38 -14.69
C PRO A 225 12.15 4.00 -13.50
N VAL A 226 12.15 5.32 -13.44
CA VAL A 226 11.50 6.03 -12.36
C VAL A 226 10.05 6.31 -12.79
N VAL A 227 9.10 5.81 -12.00
CA VAL A 227 7.65 5.87 -12.29
C VAL A 227 6.88 6.21 -11.04
N PHE A 228 5.60 6.55 -11.18
CA PHE A 228 4.78 6.84 -10.03
C PHE A 228 4.43 5.51 -9.35
N CYS A 229 4.98 5.28 -8.15
CA CYS A 229 4.88 3.97 -7.48
C CYS A 229 3.85 4.04 -6.35
N HIS A 230 3.17 2.92 -6.12
CA HIS A 230 2.29 2.80 -4.96
C HIS A 230 3.08 2.77 -3.64
N ASN A 231 4.15 1.97 -3.63
CA ASN A 231 5.12 1.82 -2.54
C ASN A 231 4.65 0.98 -1.36
N ASP A 232 3.47 0.38 -1.45
CA ASP A 232 2.92 -0.41 -0.33
C ASP A 232 1.86 -1.40 -0.85
N CYS A 233 2.21 -2.08 -1.93
CA CYS A 233 1.28 -3.01 -2.59
C CYS A 233 1.22 -4.40 -1.87
N GLN A 234 0.42 -4.42 -0.81
CA GLN A 234 0.26 -5.60 0.08
C GLN A 234 -1.25 -5.90 0.10
N GLU A 235 -1.63 -7.11 0.49
CA GLU A 235 -3.03 -7.55 0.46
C GLU A 235 -4.04 -6.62 1.16
N GLY A 236 -3.63 -6.01 2.28
CA GLY A 236 -4.49 -5.05 3.00
C GLY A 236 -4.83 -3.80 2.21
N ASN A 237 -4.10 -3.52 1.14
CA ASN A 237 -4.35 -2.37 0.27
C ASN A 237 -4.93 -2.73 -1.10
N ILE A 238 -5.44 -3.95 -1.20
CA ILE A 238 -6.02 -4.45 -2.46
C ILE A 238 -7.45 -4.93 -2.16
N LEU A 239 -8.43 -4.25 -2.77
CA LEU A 239 -9.85 -4.60 -2.63
C LEU A 239 -10.27 -5.65 -3.68
N LEU A 240 -10.99 -6.65 -3.22
CA LEU A 240 -11.70 -7.60 -4.04
C LEU A 240 -13.13 -7.08 -4.13
N LEU A 241 -13.50 -6.65 -5.33
CA LEU A 241 -14.72 -5.87 -5.53
C LEU A 241 -15.95 -6.77 -5.45
N GLU A 242 -16.93 -6.35 -4.62
CA GLU A 242 -18.16 -7.14 -4.45
C GLU A 242 -18.89 -7.41 -5.78
N GLY A 243 -19.26 -8.67 -6.02
CA GLY A 243 -19.94 -9.05 -7.28
C GLY A 243 -19.03 -9.30 -8.48
N ARG A 244 -17.72 -9.10 -8.30
CA ARG A 244 -16.72 -9.33 -9.33
C ARG A 244 -15.85 -10.56 -9.08
N GLU A 245 -16.15 -11.30 -8.01
CA GLU A 245 -15.26 -12.36 -7.54
C GLU A 245 -15.14 -13.51 -8.55
N ASN A 246 -16.17 -13.72 -9.37
CA ASN A 246 -16.13 -14.74 -10.43
C ASN A 246 -15.85 -14.20 -11.84
N SER A 247 -15.48 -12.92 -11.91
CA SER A 247 -15.21 -12.24 -13.17
CA SER A 247 -15.21 -12.26 -13.18
C SER A 247 -13.78 -12.55 -13.60
N GLU A 248 -13.55 -12.63 -14.89
CA GLU A 248 -12.22 -13.04 -15.40
C GLU A 248 -11.18 -11.98 -15.07
N LYS A 249 -11.57 -10.73 -15.19
CA LYS A 249 -10.67 -9.60 -14.98
C LYS A 249 -11.41 -8.49 -14.26
N GLN A 250 -10.67 -7.43 -13.94
CA GLN A 250 -11.25 -6.25 -13.29
C GLN A 250 -12.04 -6.61 -12.04
N LYS A 251 -11.44 -7.45 -11.18
CA LYS A 251 -12.04 -7.70 -9.88
C LYS A 251 -11.36 -6.98 -8.73
N LEU A 252 -10.27 -6.27 -9.00
CA LEU A 252 -9.52 -5.62 -7.92
C LEU A 252 -9.48 -4.08 -8.04
N MET A 253 -9.17 -3.43 -6.92
CA MET A 253 -8.81 -2.01 -6.93
C MET A 253 -7.66 -1.82 -5.92
N LEU A 254 -6.60 -1.13 -6.35
CA LEU A 254 -5.51 -0.72 -5.48
C LEU A 254 -5.92 0.51 -4.71
N ILE A 255 -5.78 0.48 -3.40
CA ILE A 255 -6.09 1.66 -2.58
C ILE A 255 -4.92 2.05 -1.62
N ASP A 256 -5.14 3.14 -0.87
CA ASP A 256 -4.22 3.64 0.16
CA ASP A 256 -4.18 3.61 0.16
C ASP A 256 -2.86 4.05 -0.43
N PHE A 257 -2.88 5.23 -1.04
CA PHE A 257 -1.76 5.81 -1.72
C PHE A 257 -0.98 6.80 -0.84
N GLU A 258 -1.14 6.70 0.49
CA GLU A 258 -0.51 7.60 1.45
C GLU A 258 1.00 7.73 1.23
N TYR A 259 1.64 6.65 0.80
CA TYR A 259 3.10 6.63 0.66
C TYR A 259 3.57 6.61 -0.80
N SER A 260 2.65 6.88 -1.72
CA SER A 260 2.93 6.79 -3.18
C SER A 260 3.82 7.96 -3.56
N SER A 261 4.77 7.70 -4.46
CA SER A 261 5.73 8.69 -4.88
C SER A 261 6.41 8.21 -6.16
N TYR A 262 7.07 9.13 -6.87
CA TYR A 262 8.01 8.71 -7.91
C TYR A 262 9.15 7.94 -7.23
N ASN A 263 9.52 6.82 -7.81
CA ASN A 263 10.45 5.87 -7.22
C ASN A 263 10.85 4.92 -8.34
N TYR A 264 11.89 4.13 -8.09
CA TYR A 264 12.29 3.06 -8.99
C TYR A 264 11.22 1.98 -9.12
N ARG A 265 10.83 1.70 -10.36
CA ARG A 265 9.85 0.64 -10.64
C ARG A 265 10.18 -0.70 -9.95
N GLY A 266 11.46 -1.07 -9.98
CA GLY A 266 11.90 -2.29 -9.33
C GLY A 266 11.49 -2.42 -7.88
N PHE A 267 11.47 -1.30 -7.15
CA PHE A 267 11.06 -1.28 -5.74
C PHE A 267 9.60 -1.67 -5.60
N ASP A 268 8.74 -1.05 -6.41
CA ASP A 268 7.30 -1.35 -6.31
C ASP A 268 7.02 -2.84 -6.52
N ILE A 269 7.66 -3.43 -7.52
CA ILE A 269 7.44 -4.84 -7.82
C ILE A 269 8.09 -5.75 -6.81
N GLY A 270 9.38 -5.52 -6.54
CA GLY A 270 10.10 -6.27 -5.51
C GLY A 270 9.46 -6.21 -4.12
N ASN A 271 9.02 -5.03 -3.71
CA ASN A 271 8.32 -4.85 -2.44
C ASN A 271 7.05 -5.71 -2.40
N HIS A 272 6.29 -5.71 -3.49
CA HIS A 272 5.13 -6.57 -3.58
C HIS A 272 5.47 -8.07 -3.42
N PHE A 273 6.51 -8.51 -4.10
CA PHE A 273 6.95 -9.91 -3.98
C PHE A 273 7.29 -10.27 -2.54
N CYS A 274 7.94 -9.36 -1.83
CA CYS A 274 8.33 -9.57 -0.43
C CYS A 274 7.11 -9.84 0.41
N GLU A 275 6.02 -9.12 0.09
CA GLU A 275 4.76 -9.23 0.87
C GLU A 275 4.08 -10.59 0.74
N TRP A 276 4.46 -11.40 -0.26
CA TRP A 276 3.99 -12.79 -0.30
C TRP A 276 4.38 -13.60 0.95
N MET A 277 5.46 -13.20 1.62
CA MET A 277 6.04 -13.97 2.76
C MET A 277 5.44 -13.70 4.14
N TYR A 278 4.57 -12.68 4.26
CA TYR A 278 4.15 -12.13 5.56
C TYR A 278 2.64 -12.15 5.70
N ASP A 279 2.18 -12.83 6.77
CA ASP A 279 0.80 -12.90 7.16
C ASP A 279 0.56 -12.07 8.44
N TYR A 280 -0.14 -10.96 8.33
CA TYR A 280 -0.31 -10.05 9.48
C TYR A 280 -1.59 -10.35 10.26
N SER A 281 -2.26 -11.45 9.91
CA SER A 281 -3.50 -11.84 10.57
C SER A 281 -3.27 -12.84 11.71
N TYR A 282 -2.02 -13.23 11.95
CA TYR A 282 -1.69 -14.19 13.02
C TYR A 282 -2.12 -13.64 14.38
N GLU A 283 -2.86 -14.43 15.16
CA GLU A 283 -3.51 -13.87 16.36
C GLU A 283 -2.81 -14.21 17.68
N LYS A 284 -1.53 -14.58 17.60
CA LYS A 284 -0.67 -14.70 18.78
C LYS A 284 0.52 -13.79 18.56
N TYR A 285 1.06 -13.23 19.64
CA TYR A 285 2.31 -12.52 19.56
C TYR A 285 3.33 -13.37 18.79
N PRO A 286 4.12 -12.76 17.88
CA PRO A 286 4.27 -11.31 17.54
C PRO A 286 3.27 -10.71 16.56
N PHE A 287 2.20 -11.46 16.25
CA PHE A 287 1.07 -10.96 15.45
C PHE A 287 1.39 -10.86 13.94
N PHE A 288 2.35 -11.66 13.54
CA PHE A 288 2.64 -11.96 12.12
C PHE A 288 3.29 -13.34 12.02
N ARG A 289 3.14 -13.97 10.85
CA ARG A 289 3.90 -15.15 10.45
C ARG A 289 4.76 -14.77 9.25
N ALA A 290 5.97 -15.29 9.21
CA ALA A 290 6.87 -15.10 8.06
C ALA A 290 7.28 -16.46 7.54
N ASN A 291 7.25 -16.64 6.22
CA ASN A 291 7.70 -17.88 5.55
C ASN A 291 8.52 -17.58 4.28
N ILE A 292 9.84 -17.83 4.34
CA ILE A 292 10.79 -17.48 3.27
C ILE A 292 10.43 -18.24 1.98
N ARG A 293 9.85 -19.43 2.16
CA ARG A 293 9.50 -20.31 1.04
C ARG A 293 8.25 -19.87 0.29
N LYS A 294 7.51 -18.88 0.80
CA LYS A 294 6.37 -18.31 0.05
C LYS A 294 6.73 -17.14 -0.86
N TYR A 295 7.99 -16.72 -0.88
CA TYR A 295 8.42 -15.74 -1.87
C TYR A 295 8.10 -16.34 -3.25
N PRO A 296 7.64 -15.53 -4.22
CA PRO A 296 7.34 -16.13 -5.52
C PRO A 296 8.55 -16.85 -6.14
N THR A 297 8.30 -18.05 -6.65
CA THR A 297 9.29 -18.76 -7.47
C THR A 297 9.55 -17.99 -8.75
N LYS A 298 10.60 -18.34 -9.47
CA LYS A 298 10.88 -17.65 -10.70
C LYS A 298 9.70 -17.80 -11.69
N LYS A 299 9.08 -18.97 -11.71
CA LYS A 299 7.90 -19.22 -12.54
C LYS A 299 6.78 -18.24 -12.21
N GLN A 300 6.56 -18.06 -10.91
CA GLN A 300 5.50 -17.14 -10.48
C GLN A 300 5.84 -15.69 -10.81
N GLN A 301 7.10 -15.35 -10.62
CA GLN A 301 7.58 -14.03 -10.95
C GLN A 301 7.40 -13.74 -12.44
N LEU A 302 7.71 -14.73 -13.29
CA LEU A 302 7.53 -14.56 -14.74
C LEU A 302 6.09 -14.37 -15.12
N HIS A 303 5.20 -15.10 -14.47
CA HIS A 303 3.78 -14.94 -14.68
C HIS A 303 3.32 -13.49 -14.39
N PHE A 304 3.81 -12.95 -13.28
CA PHE A 304 3.49 -11.57 -12.89
C PHE A 304 4.00 -10.56 -13.93
N ILE A 305 5.28 -10.66 -14.28
CA ILE A 305 5.85 -9.66 -15.18
C ILE A 305 5.30 -9.83 -16.61
N SER A 306 4.90 -11.05 -17.00
CA SER A 306 4.27 -11.26 -18.30
C SER A 306 2.93 -10.50 -18.44
N SER A 307 2.23 -10.28 -17.32
CA SER A 307 1.05 -9.43 -17.31
CA SER A 307 1.03 -9.44 -17.28
C SER A 307 1.39 -7.96 -17.18
N TYR A 308 2.43 -7.65 -16.40
CA TYR A 308 2.83 -6.27 -16.20
C TYR A 308 3.24 -5.58 -17.51
N LEU A 309 4.13 -6.22 -18.22
CA LEU A 309 4.75 -5.59 -19.39
C LEU A 309 3.78 -5.10 -20.49
N PRO A 310 2.85 -5.96 -20.97
CA PRO A 310 1.90 -5.49 -21.99
C PRO A 310 0.95 -4.41 -21.48
N ALA A 311 0.66 -4.44 -20.18
CA ALA A 311 -0.13 -3.36 -19.59
C ALA A 311 0.67 -2.05 -19.48
N PHE A 312 2.00 -2.11 -19.37
CA PHE A 312 2.85 -0.92 -19.22
C PHE A 312 3.38 -0.35 -20.55
N GLN A 313 3.60 -1.23 -21.54
CA GLN A 313 4.20 -0.89 -22.83
C GLN A 313 3.25 -1.47 -23.89
N ASN A 314 2.35 -0.65 -24.42
CA ASN A 314 1.19 -1.15 -25.17
C ASN A 314 1.46 -2.22 -26.25
N ASP A 315 2.40 -1.94 -27.14
CA ASP A 315 2.74 -2.82 -28.27
CA ASP A 315 2.71 -2.86 -28.26
C ASP A 315 3.78 -3.91 -27.90
N PHE A 316 3.99 -4.13 -26.59
CA PHE A 316 4.92 -5.15 -26.11
C PHE A 316 4.68 -6.52 -26.76
N GLU A 317 3.42 -6.90 -26.91
CA GLU A 317 3.07 -8.22 -27.46
C GLU A 317 3.64 -8.42 -28.86
N ASN A 318 3.68 -7.35 -29.66
CA ASN A 318 4.19 -7.40 -31.05
C ASN A 318 5.70 -7.62 -31.18
N LEU A 319 6.45 -7.52 -30.08
CA LEU A 319 7.87 -7.81 -30.09
C LEU A 319 8.10 -9.33 -30.34
N SER A 320 9.28 -9.69 -30.82
CA SER A 320 9.60 -11.12 -31.02
C SER A 320 9.65 -11.85 -29.67
N THR A 321 9.47 -13.18 -29.69
CA THR A 321 9.52 -13.96 -28.44
C THR A 321 10.89 -13.73 -27.77
N GLU A 322 11.92 -13.67 -28.61
CA GLU A 322 13.30 -13.33 -28.28
C GLU A 322 13.49 -11.97 -27.53
N GLU A 323 13.02 -10.88 -28.11
CA GLU A 323 13.18 -9.57 -27.43
C GLU A 323 12.38 -9.53 -26.13
N LYS A 324 11.21 -10.12 -26.14
CA LYS A 324 10.39 -10.21 -24.91
C LYS A 324 11.12 -11.00 -23.81
N SER A 325 11.76 -12.10 -24.18
N SER A 325 11.76 -12.10 -24.19
CA SER A 325 12.49 -12.91 -23.21
CA SER A 325 12.52 -12.92 -23.24
C SER A 325 13.65 -12.14 -22.56
C SER A 325 13.65 -12.15 -22.56
N ILE A 326 14.38 -11.35 -23.34
CA ILE A 326 15.50 -10.54 -22.83
C ILE A 326 14.99 -9.51 -21.82
N ILE A 327 13.92 -8.82 -22.22
CA ILE A 327 13.33 -7.81 -21.37
C ILE A 327 12.85 -8.44 -20.06
N LYS A 328 12.19 -9.60 -20.14
CA LYS A 328 11.76 -10.32 -18.92
C LYS A 328 12.94 -10.75 -18.01
N GLU A 329 14.00 -11.30 -18.60
CA GLU A 329 15.17 -11.69 -17.81
C GLU A 329 15.79 -10.51 -17.08
N GLU A 330 15.92 -9.37 -17.75
CA GLU A 330 16.54 -8.20 -17.15
C GLU A 330 15.65 -7.66 -16.02
N MET A 331 14.34 -7.71 -16.23
CA MET A 331 13.38 -7.31 -15.18
C MET A 331 13.44 -8.20 -13.93
N LEU A 332 13.55 -9.51 -14.12
CA LEU A 332 13.71 -10.43 -12.99
C LEU A 332 14.91 -10.01 -12.14
N LEU A 333 16.03 -9.71 -12.78
CA LEU A 333 17.22 -9.28 -12.04
C LEU A 333 16.99 -7.93 -11.29
N GLU A 334 16.44 -6.96 -12.01
CA GLU A 334 16.08 -5.64 -11.47
C GLU A 334 15.23 -5.77 -10.21
N VAL A 335 14.15 -6.52 -10.32
CA VAL A 335 13.16 -6.58 -9.21
C VAL A 335 13.70 -7.33 -7.99
N ASN A 336 14.43 -8.44 -8.20
CA ASN A 336 15.02 -9.17 -7.09
C ASN A 336 16.15 -8.44 -6.36
N ARG A 337 16.89 -7.60 -7.07
CA ARG A 337 17.84 -6.71 -6.41
C ARG A 337 17.11 -5.63 -5.60
N PHE A 338 16.11 -5.02 -6.20
CA PHE A 338 15.33 -4.00 -5.47
C PHE A 338 14.52 -4.57 -4.28
N ALA A 339 14.12 -5.84 -4.33
CA ALA A 339 13.54 -6.54 -3.19
C ALA A 339 14.40 -6.41 -1.91
N LEU A 340 15.74 -6.40 -2.08
CA LEU A 340 16.65 -6.17 -0.95
C LEU A 340 16.38 -4.85 -0.27
N ALA A 341 16.09 -3.79 -1.05
CA ALA A 341 15.74 -2.50 -0.48
C ALA A 341 14.44 -2.53 0.30
N SER A 342 13.51 -3.35 -0.16
CA SER A 342 12.26 -3.52 0.59
C SER A 342 12.53 -4.09 1.98
N HIS A 343 13.35 -5.14 2.04
CA HIS A 343 13.73 -5.71 3.33
C HIS A 343 14.42 -4.71 4.24
N PHE A 344 15.40 -4.01 3.69
CA PHE A 344 16.21 -3.09 4.49
C PHE A 344 15.33 -1.93 4.98
N LEU A 345 14.55 -1.33 4.05
CA LEU A 345 13.66 -0.23 4.39
C LEU A 345 12.69 -0.63 5.53
N TRP A 346 11.97 -1.72 5.34
CA TRP A 346 10.97 -2.14 6.33
C TRP A 346 11.58 -2.62 7.66
N GLY A 347 12.78 -3.21 7.60
CA GLY A 347 13.51 -3.60 8.78
C GLY A 347 13.81 -2.37 9.63
N LEU A 348 14.36 -1.35 8.99
CA LEU A 348 14.64 -0.08 9.66
C LEU A 348 13.36 0.57 10.19
N TRP A 349 12.36 0.65 9.31
CA TRP A 349 11.07 1.21 9.70
C TRP A 349 10.53 0.56 10.97
N SER A 350 10.62 -0.78 11.05
CA SER A 350 10.03 -1.52 12.15
C SER A 350 10.77 -1.31 13.48
N ILE A 351 12.10 -1.19 13.45
CA ILE A 351 12.84 -0.85 14.67
C ILE A 351 12.38 0.50 15.22
N VAL A 352 12.18 1.49 14.36
CA VAL A 352 11.75 2.82 14.82
C VAL A 352 10.36 2.71 15.44
N GLN A 353 9.49 1.93 14.81
CA GLN A 353 8.15 1.68 15.34
C GLN A 353 8.15 1.00 16.72
N ALA A 354 9.11 0.12 16.99
CA ALA A 354 9.26 -0.45 18.33
C ALA A 354 9.47 0.63 19.39
N LYS A 355 10.13 1.73 19.00
CA LYS A 355 10.28 2.91 19.89
C LYS A 355 9.06 3.82 19.96
N ILE A 356 8.43 4.11 18.81
CA ILE A 356 7.43 5.19 18.69
C ILE A 356 5.97 4.75 18.56
N SER A 357 5.72 3.49 18.24
CA SER A 357 4.33 3.02 17.99
C SER A 357 3.54 2.79 19.27
N SER A 358 2.22 2.84 19.13
CA SER A 358 1.32 2.53 20.24
C SER A 358 0.44 1.30 19.96
N ILE A 359 0.75 0.57 18.88
CA ILE A 359 0.02 -0.66 18.55
C ILE A 359 0.74 -1.88 19.11
N GLU A 360 -0.01 -2.88 19.55
CA GLU A 360 0.59 -4.14 20.01
C GLU A 360 1.00 -5.00 18.81
N PHE A 361 2.30 -5.13 18.62
CA PHE A 361 2.86 -5.85 17.46
C PHE A 361 4.31 -6.08 17.79
N GLY A 362 4.82 -7.24 17.39
CA GLY A 362 6.20 -7.58 17.63
C GLY A 362 7.12 -6.90 16.61
N TYR A 363 7.33 -5.59 16.76
CA TYR A 363 8.12 -4.83 15.77
C TYR A 363 9.58 -5.29 15.68
N MET A 364 10.20 -5.62 16.82
CA MET A 364 11.61 -6.02 16.76
C MET A 364 11.76 -7.39 16.10
N ASP A 365 10.84 -8.31 16.37
CA ASP A 365 10.84 -9.63 15.71
C ASP A 365 10.57 -9.50 14.20
N TYR A 366 9.68 -8.59 13.84
CA TYR A 366 9.43 -8.30 12.41
C TYR A 366 10.71 -7.73 11.73
N ALA A 367 11.38 -6.78 12.38
CA ALA A 367 12.64 -6.25 11.89
C ALA A 367 13.64 -7.39 11.66
N GLN A 368 13.74 -8.30 12.60
CA GLN A 368 14.68 -9.42 12.44
C GLN A 368 14.28 -10.30 11.25
N ALA A 369 12.98 -10.53 11.08
CA ALA A 369 12.49 -11.31 9.92
C ALA A 369 12.90 -10.65 8.60
N ARG A 370 12.76 -9.32 8.51
CA ARG A 370 13.14 -8.63 7.29
C ARG A 370 14.67 -8.70 7.03
N PHE A 371 15.49 -8.54 8.07
CA PHE A 371 16.95 -8.58 7.86
C PHE A 371 17.38 -10.02 7.58
N ASP A 372 16.73 -11.01 8.19
CA ASP A 372 16.98 -12.43 7.86
C ASP A 372 16.76 -12.67 6.35
N ALA A 373 15.63 -12.18 5.83
CA ALA A 373 15.30 -12.32 4.41
C ALA A 373 16.27 -11.52 3.53
N TYR A 374 16.70 -10.35 3.97
CA TYR A 374 17.73 -9.55 3.30
C TYR A 374 18.98 -10.40 3.06
N PHE A 375 19.48 -11.02 4.11
CA PHE A 375 20.74 -11.79 3.95
C PHE A 375 20.53 -13.08 3.18
N HIS A 376 19.37 -13.74 3.36
CA HIS A 376 19.05 -14.95 2.60
C HIS A 376 19.01 -14.63 1.08
N GLN A 377 18.30 -13.57 0.71
CA GLN A 377 18.19 -13.08 -0.69
C GLN A 377 19.54 -12.68 -1.29
N LYS A 378 20.32 -11.92 -0.53
CA LYS A 378 21.71 -11.57 -0.89
C LYS A 378 22.51 -12.82 -1.28
N ARG A 379 22.43 -13.86 -0.45
CA ARG A 379 23.19 -15.07 -0.67
CA ARG A 379 23.12 -15.15 -0.63
C ARG A 379 22.69 -15.77 -1.95
N LYS A 380 21.38 -15.85 -2.15
CA LYS A 380 20.82 -16.45 -3.38
C LYS A 380 21.21 -15.67 -4.64
N LEU A 381 21.33 -14.35 -4.53
CA LEU A 381 21.74 -13.54 -5.67
C LEU A 381 23.25 -13.63 -5.89
N GLY A 382 24.01 -14.05 -4.88
CA GLY A 382 25.47 -14.11 -4.97
C GLY A 382 26.05 -12.72 -4.86
N VAL A 383 25.40 -11.91 -4.02
CA VAL A 383 25.68 -10.49 -3.92
C VAL A 383 25.81 -10.14 -2.44
CAP QTH B . 5.77 2.55 3.15
CAN QTH B . 7.21 2.57 2.97
CAO QTH B . 7.71 3.56 3.98
CAQ QTH B . 6.91 3.21 5.19
NAW QTH B . 5.59 2.80 4.63
CAV QTH B . 4.44 2.69 5.27
CAK QTH B . 4.34 3.12 6.59
CAM QTH B . 3.17 3.03 7.31
CAJ QTH B . 3.30 2.13 4.66
CAL QTH B . 2.13 2.04 5.39
NAX QTH B . 2.06 2.46 6.73
CAR QTH B . 0.81 2.41 7.49
CAS QTH B . 0.76 1.32 8.42
CAG QTH B . 1.70 0.27 8.49
CAI QTH B . 1.57 -0.73 9.45
CAF QTH B . -0.27 1.35 9.36
CAH QTH B . -0.37 0.36 10.32
CAU QTH B . 0.53 -0.69 10.38
CAT QTH B . 0.37 -1.68 11.37
CAD QTH B . 1.49 -2.17 12.05
CAB QTH B . 1.34 -3.15 13.03
CAA QTH B . 0.10 -3.68 13.34
CAC QTH B . -1.03 -3.21 12.68
CAE QTH B . -0.89 -2.20 11.69
CAP QTH C . -4.61 1.59 11.05
CAN QTH C . -4.64 2.38 12.35
CAO QTH C . -5.59 1.61 13.28
CAQ QTH C . -5.34 0.15 12.95
NAW QTH C . -4.75 0.13 11.54
CAV QTH C . -4.44 -1.02 10.88
CAK QTH C . -4.59 -2.27 11.50
CAM QTH C . -4.26 -3.46 10.84
CAJ QTH C . -3.93 -0.99 9.58
CAL QTH C . -3.59 -2.16 8.91
NAX QTH C . -3.76 -3.44 9.53
CAR QTH C . -3.38 -4.69 8.81
CAS QTH C . -1.95 -4.68 8.85
CAG QTH C . -1.26 -5.17 9.95
CAI QTH C . 0.13 -5.14 10.00
CAF QTH C . -1.24 -4.14 7.80
CAH QTH C . 0.14 -4.08 7.82
CAU QTH C . 0.85 -4.61 8.91
CAT QTH C . 2.23 -4.50 8.93
CAD QTH C . 2.94 -4.86 10.07
CAB QTH C . 4.30 -4.69 10.10
CAA QTH C . 4.97 -4.20 9.02
CAC QTH C . 4.29 -3.83 7.91
CAE QTH C . 2.93 -3.96 7.85
C1 EDO D . 11.66 -15.22 6.99
O1 EDO D . 13.01 -14.97 7.34
C2 EDO D . 11.19 -14.17 5.99
O2 EDO D . 11.34 -12.86 6.53
C1 EDO E . -24.22 3.56 8.21
O1 EDO E . -23.94 3.48 6.82
C2 EDO E . -24.20 2.15 8.78
O2 EDO E . -24.85 2.19 10.05
C1 EDO F . -11.11 14.82 14.75
O1 EDO F . -10.68 13.46 14.54
C2 EDO F . -12.47 14.99 14.08
O2 EDO F . -13.51 14.54 14.96
C1 EDO G . 6.01 17.90 -3.60
O1 EDO G . 6.30 19.27 -3.57
C2 EDO G . 6.69 17.26 -4.76
O2 EDO G . 6.63 15.86 -4.67
C1 EDO H . 8.61 5.11 10.80
O1 EDO H . 9.07 4.03 11.65
C2 EDO H . 8.60 6.46 11.52
O2 EDO H . 9.74 7.23 11.12
C1 EDO I . 8.76 -7.14 19.93
O1 EDO I . 9.20 -7.86 18.77
C2 EDO I . 9.40 -5.81 20.17
O2 EDO I . 8.84 -4.82 19.35
C1 EDO J . 13.93 -14.34 -0.81
O1 EDO J . 15.32 -14.50 -0.48
C2 EDO J . 13.33 -13.12 -0.12
O2 EDO J . 13.86 -11.89 -0.63
C1 EDO K . -33.09 2.11 8.22
O1 EDO K . -32.44 2.71 7.10
C2 EDO K . -34.41 2.83 8.50
O2 EDO K . -35.13 3.08 7.28
C1 EDO L . 14.52 -7.95 -32.78
O1 EDO L . 15.44 -7.18 -32.01
C2 EDO L . 14.31 -9.32 -32.13
O2 EDO L . 15.57 -9.97 -31.94
C1 EDO M . 23.10 9.96 11.74
O1 EDO M . 23.38 8.66 12.27
C2 EDO M . 24.03 11.02 12.30
O2 EDO M . 23.95 12.21 11.51
C1 EDO N . 19.23 9.25 -5.68
O1 EDO N . 20.25 8.90 -6.62
C2 EDO N . 18.19 10.06 -6.41
O2 EDO N . 18.03 11.37 -5.85
C1 EDO O . 20.70 3.92 -5.87
O1 EDO O . 21.23 5.13 -5.31
C2 EDO O . 20.35 4.20 -7.33
O2 EDO O . 19.39 3.26 -7.81
C1 EDO P . 5.90 -0.18 20.93
O1 EDO P . 6.87 -1.22 20.81
C2 EDO P . 4.49 -0.65 20.56
O2 EDO P . 4.37 -2.08 20.37
#